data_4E73
#
_entry.id   4E73
#
_cell.length_a   62.901
_cell.length_b   79.840
_cell.length_c   85.524
_cell.angle_alpha   90.00
_cell.angle_beta   90.00
_cell.angle_gamma   90.00
#
_symmetry.space_group_name_H-M   'P 21 21 21'
#
loop_
_entity.id
_entity.type
_entity.pdbx_description
1 polymer 'Mitogen-activated protein kinase 8'
2 polymer 'C-Jun-amino-terminal kinase-interacting protein 1'
3 non-polymer 'methyl 3-(4-{[(1R,2S,3S,5S,7s)-5-aminotricyclo[3.3.1.1~3,7~]dec-2-yl]carbamoyl}benzyl)-4-oxo-1-phenyl-1,4-dihydro-1,8-naphthyridine-2-carboxylate'
4 water water
#
loop_
_entity_poly.entity_id
_entity_poly.type
_entity_poly.pdbx_seq_one_letter_code
_entity_poly.pdbx_strand_id
1 'polypeptide(L)'
;MSRSKRDNNFYSVEIGDSTFTVLKRYQNLKPIGSGAQGIVCAAYDAILERNVAIKKLSRPFQNQTHAKRAYRELVLMKCV
NHKNIIGLLNVFTPQKSLEEFQDVYIVMELMDANLCQVIQMELDHERMSYLLYQMLCGIKHLHSAGIIHRDLKPSNIVVK
SDCTLKILDFGLARTAGTSFMMTPYVVTRYYRAPEVILGMGYKENVDIWSVGCIMGEMIKGGVLFPGTDHIDQWNKVIEQ
LGTPCPEFMKKLQPTVRTYVENRPKYAGYSFEKLFPDVLFPADSEHNKLKASQARDLLSKMLVIDASKRISVDEALQHPY
INVWYDPSEAEAPPPKIPDKQLDEREHTIEEWKELIYKEVMDLHHHHHH
;
A
2 'polypeptide(L)' KPKRPTTLNLF B
#
loop_
_chem_comp.id
_chem_comp.type
_chem_comp.name
_chem_comp.formula
0NR non-polymer 'methyl 3-(4-{[(1R,2S,3S,5S,7s)-5-aminotricyclo[3.3.1.1~3,7~]dec-2-yl]carbamoyl}benzyl)-4-oxo-1-phenyl-1,4-dihydro-1,8-naphthyridine-2-carboxylate' 'C34 H34 N4 O4'
#
# COMPACT_ATOMS: atom_id res chain seq x y z
N ASN A 8 -5.99 -36.49 3.42
CA ASN A 8 -4.89 -36.96 4.32
C ASN A 8 -3.82 -35.89 4.49
N ASN A 9 -3.46 -35.23 3.40
CA ASN A 9 -2.49 -34.14 3.46
C ASN A 9 -3.11 -32.85 3.99
N PHE A 10 -4.44 -32.79 3.99
CA PHE A 10 -5.17 -31.62 4.43
C PHE A 10 -5.94 -31.85 5.73
N TYR A 11 -6.19 -30.77 6.46
CA TYR A 11 -7.16 -30.81 7.56
C TYR A 11 -7.96 -29.49 7.63
N SER A 12 -9.08 -29.52 8.34
CA SER A 12 -9.99 -28.38 8.42
C SER A 12 -9.99 -27.73 9.80
N VAL A 13 -10.09 -26.41 9.81
CA VAL A 13 -10.33 -25.68 11.04
C VAL A 13 -11.33 -24.54 10.78
N GLU A 14 -12.27 -24.37 11.71
CA GLU A 14 -13.30 -23.33 11.58
C GLU A 14 -12.76 -21.99 12.06
N ILE A 15 -12.84 -20.98 11.20
CA ILE A 15 -12.41 -19.63 11.56
C ILE A 15 -13.64 -18.71 11.43
N GLY A 16 -14.28 -18.38 12.55
CA GLY A 16 -15.60 -17.80 12.47
C GLY A 16 -16.52 -18.68 11.63
N ASP A 17 -17.25 -18.08 10.70
CA ASP A 17 -18.13 -18.85 9.82
C ASP A 17 -17.42 -19.52 8.66
N SER A 18 -16.11 -19.32 8.57
CA SER A 18 -15.35 -19.85 7.45
C SER A 18 -14.60 -21.15 7.82
N THR A 19 -14.62 -22.12 6.91
CA THR A 19 -13.85 -23.34 7.10
C THR A 19 -12.54 -23.27 6.32
N PHE A 20 -11.41 -23.27 7.04
CA PHE A 20 -10.11 -23.34 6.38
C PHE A 20 -9.65 -24.80 6.24
N THR A 21 -9.46 -25.24 5.01
CA THR A 21 -8.94 -26.58 4.76
C THR A 21 -7.55 -26.46 4.15
N VAL A 22 -6.53 -26.72 4.95
CA VAL A 22 -5.16 -26.42 4.57
C VAL A 22 -4.17 -27.59 4.72
N LEU A 23 -3.03 -27.48 4.07
CA LEU A 23 -1.97 -28.47 4.19
C LEU A 23 -1.53 -28.59 5.63
N LYS A 24 -1.26 -29.82 6.07
CA LYS A 24 -0.95 -30.07 7.47
C LYS A 24 0.23 -29.29 8.03
N ARG A 25 1.15 -28.88 7.17
CA ARG A 25 2.26 -28.04 7.61
C ARG A 25 1.80 -26.76 8.33
N TYR A 26 0.59 -26.28 8.03
CA TYR A 26 0.13 -25.04 8.64
C TYR A 26 -0.73 -25.28 9.86
N GLN A 27 -0.24 -24.83 11.00
CA GLN A 27 -0.82 -25.21 12.27
C GLN A 27 -1.22 -23.98 13.10
N ASN A 28 -2.25 -24.14 13.92
CA ASN A 28 -2.61 -23.08 14.87
C ASN A 28 -3.06 -21.81 14.20
N LEU A 29 -3.97 -21.92 13.23
CA LEU A 29 -4.46 -20.74 12.55
C LEU A 29 -5.24 -19.84 13.50
N LYS A 30 -4.82 -18.58 13.56
CA LYS A 30 -5.57 -17.54 14.25
C LYS A 30 -5.84 -16.40 13.28
N PRO A 31 -7.09 -15.89 13.24
CA PRO A 31 -7.43 -14.78 12.34
C PRO A 31 -6.76 -13.48 12.78
N ILE A 32 -6.23 -12.72 11.83
CA ILE A 32 -5.64 -11.42 12.15
C ILE A 32 -6.36 -10.27 11.47
N GLY A 33 -7.13 -10.59 10.44
CA GLY A 33 -7.95 -9.56 9.82
C GLY A 33 -8.74 -10.10 8.65
N SER A 34 -9.50 -9.20 8.01
CA SER A 34 -10.26 -9.55 6.83
C SER A 34 -10.38 -8.38 5.86
N GLY A 35 -10.31 -8.69 4.57
CA GLY A 35 -10.65 -7.72 3.55
C GLY A 35 -11.72 -8.33 2.65
N ALA A 36 -12.06 -7.63 1.57
CA ALA A 36 -13.07 -8.16 0.65
C ALA A 36 -12.44 -9.18 -0.28
N GLN A 37 -11.11 -9.25 -0.26
CA GLN A 37 -10.39 -10.26 -1.02
C GLN A 37 -10.47 -11.59 -0.29
N GLY A 38 -10.73 -11.54 1.01
CA GLY A 38 -10.83 -12.74 1.81
C GLY A 38 -10.34 -12.64 3.24
N ILE A 39 -10.34 -13.78 3.93
CA ILE A 39 -9.97 -13.84 5.35
C ILE A 39 -8.50 -14.22 5.51
N VAL A 40 -7.83 -13.65 6.51
CA VAL A 40 -6.40 -13.88 6.69
C VAL A 40 -6.09 -14.37 8.11
N CYS A 41 -5.41 -15.50 8.19
CA CYS A 41 -4.93 -16.08 9.45
C CYS A 41 -3.40 -16.07 9.55
N ALA A 42 -2.88 -15.89 10.77
CA ALA A 42 -1.48 -16.28 11.03
C ALA A 42 -1.49 -17.77 11.31
N ALA A 43 -0.47 -18.46 10.79
CA ALA A 43 -0.29 -19.89 11.07
C ALA A 43 1.19 -20.13 11.31
N TYR A 44 1.51 -21.21 12.01
CA TYR A 44 2.90 -21.64 12.10
C TYR A 44 3.12 -22.67 11.01
N ASP A 45 4.11 -22.42 10.16
CA ASP A 45 4.46 -23.36 9.10
C ASP A 45 5.56 -24.28 9.63
N ALA A 46 5.24 -25.57 9.79
CA ALA A 46 6.16 -26.50 10.46
C ALA A 46 7.39 -26.80 9.61
N ILE A 47 7.25 -26.69 8.29
CA ILE A 47 8.34 -26.97 7.38
C ILE A 47 9.35 -25.84 7.24
N LEU A 48 8.90 -24.59 7.29
CA LEU A 48 9.83 -23.46 7.26
C LEU A 48 10.18 -23.02 8.68
N GLU A 49 9.44 -23.53 9.65
CA GLU A 49 9.69 -23.20 11.04
C GLU A 49 9.62 -21.70 11.27
N ARG A 50 8.47 -21.13 10.92
CA ARG A 50 8.20 -19.70 11.13
C ARG A 50 6.71 -19.45 10.90
N ASN A 51 6.23 -18.30 11.33
CA ASN A 51 4.83 -17.94 11.17
C ASN A 51 4.59 -17.38 9.78
N VAL A 52 3.43 -17.69 9.22
CA VAL A 52 3.05 -17.17 7.92
C VAL A 52 1.61 -16.66 7.96
N ALA A 53 1.25 -15.88 6.94
CA ALA A 53 -0.12 -15.43 6.71
C ALA A 53 -0.76 -16.30 5.64
N ILE A 54 -1.97 -16.78 5.91
CA ILE A 54 -2.69 -17.59 4.94
C ILE A 54 -4.00 -16.91 4.62
N LYS A 55 -4.19 -16.64 3.33
CA LYS A 55 -5.36 -15.94 2.84
C LYS A 55 -6.20 -16.93 2.04
N LYS A 56 -7.45 -17.11 2.44
CA LYS A 56 -8.41 -17.87 1.62
C LYS A 56 -9.19 -16.91 0.71
N LEU A 57 -9.12 -17.11 -0.60
CA LEU A 57 -9.75 -16.15 -1.50
C LEU A 57 -11.29 -16.21 -1.44
N SER A 58 -11.91 -15.04 -1.36
CA SER A 58 -13.37 -14.96 -1.30
C SER A 58 -14.01 -15.20 -2.65
N ARG A 59 -14.66 -16.36 -2.79
CA ARG A 59 -15.41 -16.69 -3.99
C ARG A 59 -14.75 -16.16 -5.26
N PRO A 60 -13.58 -16.73 -5.62
CA PRO A 60 -12.79 -16.23 -6.75
C PRO A 60 -13.52 -16.32 -8.09
N PHE A 61 -14.41 -17.31 -8.24
CA PHE A 61 -15.16 -17.50 -9.47
C PHE A 61 -16.63 -17.10 -9.29
N GLN A 62 -16.90 -16.25 -8.32
CA GLN A 62 -18.27 -15.80 -8.08
C GLN A 62 -18.79 -15.14 -9.34
N ASN A 63 -17.99 -14.25 -9.91
CA ASN A 63 -18.36 -13.52 -11.11
C ASN A 63 -17.12 -13.09 -11.87
N GLN A 64 -17.28 -12.15 -12.79
CA GLN A 64 -16.19 -11.76 -13.69
C GLN A 64 -15.17 -10.90 -12.96
N THR A 65 -15.64 -10.12 -11.99
CA THR A 65 -14.78 -9.20 -11.24
C THR A 65 -13.87 -9.94 -10.26
N HIS A 66 -14.45 -10.87 -9.50
CA HIS A 66 -13.67 -11.70 -8.59
C HIS A 66 -12.59 -12.45 -9.34
N ALA A 67 -12.98 -13.18 -10.36
CA ALA A 67 -12.04 -14.05 -11.07
C ALA A 67 -10.90 -13.22 -11.63
N LYS A 68 -11.24 -12.06 -12.19
CA LYS A 68 -10.26 -11.21 -12.82
C LYS A 68 -9.26 -10.72 -11.76
N ARG A 69 -9.77 -10.40 -10.57
CA ARG A 69 -8.95 -9.89 -9.49
C ARG A 69 -8.11 -10.98 -8.79
N ALA A 70 -8.69 -12.18 -8.69
CA ALA A 70 -7.96 -13.31 -8.14
C ALA A 70 -6.79 -13.64 -9.06
N TYR A 71 -7.05 -13.63 -10.35
CA TYR A 71 -6.04 -14.00 -11.32
C TYR A 71 -4.89 -12.99 -11.28
N ARG A 72 -5.23 -11.71 -11.25
CA ARG A 72 -4.23 -10.64 -11.23
C ARG A 72 -3.31 -10.72 -10.00
N GLU A 73 -3.90 -10.87 -8.82
CA GLU A 73 -3.12 -11.01 -7.60
C GLU A 73 -2.12 -12.19 -7.70
N LEU A 74 -2.63 -13.34 -8.13
CA LEU A 74 -1.80 -14.53 -8.30
C LEU A 74 -0.63 -14.27 -9.25
N VAL A 75 -0.90 -13.67 -10.41
CA VAL A 75 0.15 -13.43 -11.39
C VAL A 75 1.16 -12.40 -10.90
N LEU A 76 0.67 -11.34 -10.24
CA LEU A 76 1.57 -10.29 -9.82
C LEU A 76 2.46 -10.76 -8.68
N MET A 77 1.88 -11.46 -7.71
CA MET A 77 2.66 -11.95 -6.58
C MET A 77 3.82 -12.81 -7.07
N LYS A 78 3.57 -13.57 -8.14
CA LYS A 78 4.55 -14.52 -8.62
C LYS A 78 5.73 -13.85 -9.30
N CYS A 79 5.53 -12.63 -9.78
CA CYS A 79 6.56 -11.94 -10.54
C CYS A 79 7.40 -11.01 -9.67
N VAL A 80 6.73 -10.27 -8.78
CA VAL A 80 7.41 -9.37 -7.86
C VAL A 80 8.21 -10.15 -6.83
N ASN A 81 9.38 -9.66 -6.48
CA ASN A 81 10.21 -10.29 -5.47
C ASN A 81 11.20 -9.28 -4.89
N HIS A 82 10.97 -8.89 -3.64
CA HIS A 82 11.72 -7.81 -3.05
C HIS A 82 11.42 -7.72 -1.56
N LYS A 83 12.42 -7.38 -0.77
CA LYS A 83 12.32 -7.44 0.68
C LYS A 83 11.35 -6.43 1.30
N ASN A 84 10.96 -5.40 0.55
CA ASN A 84 10.01 -4.44 1.08
C ASN A 84 8.61 -4.60 0.46
N ILE A 85 8.35 -5.80 -0.06
CA ILE A 85 7.03 -6.17 -0.55
C ILE A 85 6.66 -7.56 -0.06
N ILE A 86 5.47 -7.71 0.52
CA ILE A 86 4.98 -8.99 0.99
C ILE A 86 5.17 -10.05 -0.11
N GLY A 87 5.80 -11.16 0.24
CA GLY A 87 6.15 -12.15 -0.75
C GLY A 87 5.26 -13.37 -0.68
N LEU A 88 5.02 -13.98 -1.84
CA LEU A 88 4.34 -15.25 -1.93
C LEU A 88 5.26 -16.38 -1.45
N LEU A 89 4.74 -17.28 -0.61
CA LEU A 89 5.50 -18.43 -0.17
C LEU A 89 4.98 -19.71 -0.81
N ASN A 90 3.67 -19.77 -0.98
CA ASN A 90 3.01 -20.99 -1.44
C ASN A 90 1.61 -20.63 -1.90
N VAL A 91 1.06 -21.45 -2.79
CA VAL A 91 -0.35 -21.35 -3.18
C VAL A 91 -0.86 -22.79 -3.34
N PHE A 92 -2.07 -23.06 -2.90
CA PHE A 92 -2.62 -24.40 -3.07
C PHE A 92 -4.13 -24.38 -3.05
N THR A 93 -4.71 -25.53 -3.40
CA THR A 93 -6.15 -25.75 -3.30
C THR A 93 -6.37 -27.17 -2.79
N PRO A 94 -7.41 -27.38 -1.96
CA PRO A 94 -7.71 -28.75 -1.50
C PRO A 94 -8.46 -29.58 -2.52
N GLN A 95 -9.02 -28.94 -3.55
CA GLN A 95 -9.76 -29.66 -4.58
C GLN A 95 -8.84 -30.27 -5.63
N LYS A 96 -9.28 -31.39 -6.20
CA LYS A 96 -8.38 -32.29 -6.93
C LYS A 96 -8.49 -32.19 -8.44
N SER A 97 -9.48 -31.45 -8.93
CA SER A 97 -9.66 -31.30 -10.37
C SER A 97 -10.28 -29.96 -10.71
N LEU A 98 -10.11 -29.52 -11.96
CA LEU A 98 -10.72 -28.27 -12.41
C LEU A 98 -12.22 -28.27 -12.18
N GLU A 99 -12.80 -29.47 -12.15
CA GLU A 99 -14.24 -29.61 -12.02
C GLU A 99 -14.67 -29.22 -10.60
N GLU A 100 -14.01 -29.80 -9.62
CA GLU A 100 -14.33 -29.54 -8.22
C GLU A 100 -13.69 -28.24 -7.70
N PHE A 101 -12.67 -27.76 -8.40
CA PHE A 101 -11.94 -26.54 -8.00
C PHE A 101 -12.89 -25.49 -7.41
N GLN A 102 -12.69 -25.18 -6.13
CA GLN A 102 -13.46 -24.14 -5.45
C GLN A 102 -12.57 -23.06 -4.82
N ASP A 103 -11.63 -23.48 -3.98
CA ASP A 103 -10.91 -22.58 -3.08
C ASP A 103 -9.44 -22.40 -3.43
N VAL A 104 -8.97 -21.16 -3.35
CA VAL A 104 -7.54 -20.86 -3.47
C VAL A 104 -7.00 -20.28 -2.17
N TYR A 105 -5.92 -20.88 -1.69
CA TYR A 105 -5.22 -20.36 -0.52
C TYR A 105 -3.89 -19.79 -0.94
N ILE A 106 -3.60 -18.59 -0.45
CA ILE A 106 -2.32 -17.96 -0.74
C ILE A 106 -1.57 -17.83 0.58
N VAL A 107 -0.36 -18.36 0.62
CA VAL A 107 0.45 -18.30 1.83
C VAL A 107 1.52 -17.23 1.65
N MET A 108 1.65 -16.35 2.63
CA MET A 108 2.48 -15.15 2.53
C MET A 108 3.33 -14.94 3.77
N GLU A 109 4.31 -14.05 3.63
CA GLU A 109 5.09 -13.62 4.78
C GLU A 109 4.19 -12.91 5.79
N LEU A 110 4.52 -13.08 7.05
CA LEU A 110 3.76 -12.45 8.13
C LEU A 110 4.61 -11.41 8.85
N MET A 111 4.05 -10.22 9.05
CA MET A 111 4.74 -9.19 9.80
C MET A 111 4.09 -9.08 11.19
N ASP A 112 4.26 -7.96 11.89
CA ASP A 112 3.80 -7.84 13.27
C ASP A 112 2.61 -6.88 13.46
N ALA A 113 2.56 -5.83 12.65
CA ALA A 113 1.52 -4.82 12.79
C ALA A 113 1.43 -4.01 11.50
N ASN A 114 0.30 -3.34 11.29
CA ASN A 114 0.26 -2.36 10.21
C ASN A 114 0.76 -1.03 10.74
N LEU A 115 0.76 -0.01 9.89
CA LEU A 115 1.47 1.22 10.21
C LEU A 115 0.60 2.18 11.03
N CYS A 116 -0.70 1.89 11.09
CA CYS A 116 -1.64 2.72 11.84
C CYS A 116 -1.19 2.87 13.30
N GLN A 117 -0.70 1.80 13.87
CA GLN A 117 -0.44 1.77 15.31
C GLN A 117 0.96 2.25 15.64
N VAL A 118 1.73 2.56 14.60
CA VAL A 118 3.07 3.11 14.78
C VAL A 118 3.09 4.60 14.41
N ILE A 119 2.07 5.02 13.68
CA ILE A 119 2.07 6.33 13.04
C ILE A 119 1.71 7.43 14.04
N GLN A 120 0.90 7.09 15.03
CA GLN A 120 0.44 8.07 16.00
C GLN A 120 1.43 8.23 17.15
N MET A 121 2.23 7.21 17.40
CA MET A 121 3.24 7.28 18.46
C MET A 121 4.34 8.25 18.07
N GLU A 122 5.29 8.45 18.97
CA GLU A 122 6.37 9.40 18.75
C GLU A 122 7.55 8.71 18.08
N LEU A 123 7.82 9.09 16.84
CA LEU A 123 8.91 8.51 16.07
C LEU A 123 10.07 9.49 15.97
N ASP A 124 11.27 9.01 16.22
CA ASP A 124 12.46 9.82 16.01
C ASP A 124 12.68 9.99 14.52
N HIS A 125 13.71 10.75 14.15
CA HIS A 125 14.04 10.97 12.75
C HIS A 125 14.60 9.71 12.09
N GLU A 126 15.39 8.94 12.84
CA GLU A 126 16.07 7.78 12.27
C GLU A 126 15.09 6.67 11.91
N ARG A 127 14.09 6.44 12.76
CA ARG A 127 13.08 5.43 12.48
C ARG A 127 12.04 5.96 11.49
N MET A 128 11.83 7.26 11.53
CA MET A 128 10.92 7.92 10.59
C MET A 128 11.50 7.83 9.18
N SER A 129 12.78 8.16 9.06
CA SER A 129 13.46 8.22 7.77
C SER A 129 13.65 6.83 7.15
N TYR A 130 13.96 5.86 8.00
CA TYR A 130 14.32 4.52 7.53
C TYR A 130 13.10 3.69 7.12
N LEU A 131 11.96 3.96 7.75
CA LEU A 131 10.73 3.33 7.31
C LEU A 131 10.32 3.92 5.95
N LEU A 132 10.48 5.23 5.80
CA LEU A 132 10.16 5.90 4.54
C LEU A 132 11.10 5.44 3.43
N TYR A 133 12.36 5.17 3.78
CA TYR A 133 13.29 4.65 2.80
C TYR A 133 12.80 3.28 2.31
N GLN A 134 12.46 2.40 3.24
CA GLN A 134 12.00 1.07 2.85
C GLN A 134 10.71 1.16 2.01
N MET A 135 9.82 2.06 2.38
N MET A 135 9.80 2.05 2.38
CA MET A 135 8.58 2.29 1.62
CA MET A 135 8.58 2.26 1.59
C MET A 135 8.91 2.67 0.18
C MET A 135 8.94 2.64 0.16
N LEU A 136 9.86 3.60 0.02
CA LEU A 136 10.30 4.06 -1.29
C LEU A 136 10.96 2.95 -2.10
N CYS A 137 11.75 2.10 -1.43
CA CYS A 137 12.36 0.95 -2.11
C CYS A 137 11.29 -0.01 -2.65
N GLY A 138 10.27 -0.27 -1.84
CA GLY A 138 9.21 -1.16 -2.27
C GLY A 138 8.44 -0.55 -3.42
N ILE A 139 8.22 0.77 -3.35
CA ILE A 139 7.46 1.45 -4.38
C ILE A 139 8.22 1.41 -5.69
N LYS A 140 9.53 1.71 -5.62
CA LYS A 140 10.35 1.73 -6.83
C LYS A 140 10.32 0.37 -7.53
N HIS A 141 10.41 -0.70 -6.75
CA HIS A 141 10.36 -2.03 -7.33
C HIS A 141 9.02 -2.33 -7.99
N LEU A 142 7.93 -1.92 -7.35
CA LEU A 142 6.60 -2.11 -7.94
C LEU A 142 6.54 -1.40 -9.28
N HIS A 143 7.02 -0.17 -9.31
CA HIS A 143 7.00 0.62 -10.54
C HIS A 143 7.82 -0.04 -11.66
N SER A 144 8.99 -0.57 -11.32
CA SER A 144 9.83 -1.23 -12.32
C SER A 144 9.10 -2.41 -12.97
N ALA A 145 8.23 -3.06 -12.20
CA ALA A 145 7.41 -4.15 -12.69
C ALA A 145 6.12 -3.63 -13.34
N GLY A 146 6.04 -2.31 -13.54
CA GLY A 146 4.89 -1.74 -14.21
C GLY A 146 3.63 -1.70 -13.35
N ILE A 147 3.80 -1.77 -12.04
CA ILE A 147 2.69 -1.74 -11.10
C ILE A 147 2.66 -0.38 -10.39
N ILE A 148 1.60 0.39 -10.60
CA ILE A 148 1.50 1.66 -9.91
C ILE A 148 0.33 1.60 -8.92
N HIS A 149 0.62 1.85 -7.65
CA HIS A 149 -0.26 1.41 -6.57
C HIS A 149 -1.50 2.29 -6.45
N ARG A 150 -1.31 3.57 -6.14
CA ARG A 150 -2.40 4.54 -6.01
C ARG A 150 -3.31 4.37 -4.79
N ASP A 151 -3.10 3.32 -4.00
CA ASP A 151 -3.94 3.12 -2.82
C ASP A 151 -3.12 2.93 -1.57
N LEU A 152 -1.89 3.45 -1.56
CA LEU A 152 -1.02 3.30 -0.39
C LEU A 152 -1.58 4.03 0.83
N LYS A 153 -1.77 3.29 1.92
CA LYS A 153 -2.21 3.91 3.17
C LYS A 153 -1.66 3.14 4.37
N PRO A 154 -1.78 3.71 5.57
CA PRO A 154 -1.15 3.09 6.73
C PRO A 154 -1.60 1.65 6.96
N SER A 155 -2.83 1.33 6.57
CA SER A 155 -3.38 -0.01 6.79
C SER A 155 -2.93 -1.08 5.80
N ASN A 156 -2.29 -0.72 4.68
CA ASN A 156 -1.65 -1.75 3.85
C ASN A 156 -0.14 -1.58 3.71
N ILE A 157 0.45 -0.97 4.72
CA ILE A 157 1.90 -1.04 4.95
C ILE A 157 2.12 -1.69 6.30
N VAL A 158 2.97 -2.72 6.34
CA VAL A 158 3.16 -3.46 7.57
C VAL A 158 4.61 -3.50 8.02
N VAL A 159 4.78 -3.63 9.33
CA VAL A 159 6.09 -3.46 9.93
C VAL A 159 6.35 -4.58 10.91
N LYS A 160 7.63 -4.77 11.21
CA LYS A 160 8.06 -5.79 12.16
C LYS A 160 8.78 -5.11 13.32
N SER A 161 8.95 -5.84 14.41
CA SER A 161 9.54 -5.30 15.63
C SER A 161 11.04 -5.00 15.45
N ASP A 162 11.60 -5.46 14.33
CA ASP A 162 12.99 -5.13 14.00
C ASP A 162 13.08 -3.87 13.13
N CYS A 163 11.97 -3.15 13.02
CA CYS A 163 11.88 -1.93 12.21
C CYS A 163 11.96 -2.19 10.71
N THR A 164 11.67 -3.42 10.28
CA THR A 164 11.49 -3.66 8.85
C THR A 164 10.07 -3.37 8.41
N LEU A 165 9.92 -3.12 7.12
CA LEU A 165 8.66 -2.66 6.56
C LEU A 165 8.42 -3.36 5.23
N LYS A 166 7.16 -3.73 4.98
CA LYS A 166 6.78 -4.22 3.66
C LYS A 166 5.46 -3.59 3.20
N ILE A 167 5.37 -3.32 1.90
CA ILE A 167 4.11 -2.93 1.30
C ILE A 167 3.27 -4.18 1.11
N LEU A 168 2.00 -4.11 1.48
CA LEU A 168 1.18 -5.31 1.64
C LEU A 168 0.64 -5.85 0.32
N ASP A 169 0.17 -4.96 -0.55
CA ASP A 169 -0.42 -5.40 -1.80
C ASP A 169 -0.14 -4.46 -2.98
N PHE A 170 -0.91 -4.62 -4.06
CA PHE A 170 -0.60 -3.98 -5.32
C PHE A 170 -1.57 -2.87 -5.72
N GLY A 171 -2.48 -2.53 -4.82
CA GLY A 171 -3.35 -1.39 -5.05
C GLY A 171 -4.40 -1.51 -6.16
N LEU A 172 -4.75 -0.35 -6.72
CA LEU A 172 -5.90 -0.23 -7.61
C LEU A 172 -5.77 -0.97 -8.93
N ALA A 173 -6.91 -1.17 -9.58
CA ALA A 173 -7.08 -2.03 -10.75
C ALA A 173 -7.81 -3.29 -10.31
N ARG A 189 -10.63 7.71 1.69
CA ARG A 189 -9.87 8.17 0.54
C ARG A 189 -8.90 9.28 0.95
N TYR A 190 -8.36 9.19 2.16
CA TYR A 190 -7.57 10.27 2.75
C TYR A 190 -6.20 10.46 2.08
N TYR A 191 -5.61 9.38 1.58
CA TYR A 191 -4.22 9.41 1.15
C TYR A 191 -4.08 9.43 -0.38
N ARG A 192 -5.21 9.34 -1.07
CA ARG A 192 -5.21 9.28 -2.53
C ARG A 192 -4.88 10.61 -3.20
N ALA A 193 -4.12 10.52 -4.28
CA ALA A 193 -3.61 11.70 -4.98
C ALA A 193 -4.70 12.50 -5.69
N PRO A 194 -4.47 13.81 -5.87
CA PRO A 194 -5.39 14.67 -6.62
C PRO A 194 -5.74 14.09 -7.98
N GLU A 195 -4.73 13.65 -8.74
CA GLU A 195 -5.00 13.16 -10.09
C GLU A 195 -5.92 11.93 -10.06
N VAL A 196 -6.01 11.29 -8.90
CA VAL A 196 -6.87 10.12 -8.77
C VAL A 196 -8.30 10.48 -8.36
N ILE A 197 -8.46 11.39 -7.41
CA ILE A 197 -9.79 11.80 -7.00
C ILE A 197 -10.45 12.75 -8.01
N LEU A 198 -9.67 13.31 -8.93
CA LEU A 198 -10.18 14.18 -9.98
C LEU A 198 -10.35 13.45 -11.31
N GLY A 199 -10.04 12.15 -11.33
CA GLY A 199 -10.25 11.37 -12.54
C GLY A 199 -9.33 11.74 -13.69
N MET A 200 -8.17 12.29 -13.35
CA MET A 200 -7.16 12.64 -14.35
C MET A 200 -6.32 11.41 -14.72
N GLY A 201 -5.35 11.63 -15.61
CA GLY A 201 -4.30 10.66 -15.77
C GLY A 201 -3.38 10.70 -14.56
N TYR A 202 -2.54 9.68 -14.42
CA TYR A 202 -1.55 9.66 -13.36
C TYR A 202 -0.27 9.05 -13.89
N LYS A 203 0.81 9.26 -13.16
CA LYS A 203 2.06 8.57 -13.44
C LYS A 203 2.65 7.99 -12.16
N GLU A 204 3.87 7.48 -12.27
CA GLU A 204 4.57 6.89 -11.15
C GLU A 204 4.49 7.71 -9.86
N ASN A 205 4.62 9.04 -9.96
CA ASN A 205 4.76 9.84 -8.75
C ASN A 205 3.42 10.18 -8.11
N VAL A 206 2.35 9.63 -8.64
CA VAL A 206 1.11 9.57 -7.90
C VAL A 206 1.30 8.87 -6.54
N ASP A 207 2.20 7.89 -6.46
CA ASP A 207 2.45 7.22 -5.18
C ASP A 207 3.26 8.07 -4.19
N ILE A 208 4.01 9.04 -4.72
CA ILE A 208 4.74 9.96 -3.86
C ILE A 208 3.78 10.81 -3.01
N TRP A 209 2.64 11.20 -3.57
CA TRP A 209 1.62 11.92 -2.80
C TRP A 209 1.27 11.14 -1.52
N SER A 210 0.89 9.87 -1.69
CA SER A 210 0.54 9.01 -0.57
C SER A 210 1.66 8.93 0.46
N VAL A 211 2.90 8.87 0.00
CA VAL A 211 4.04 8.80 0.92
C VAL A 211 4.16 10.11 1.69
N GLY A 212 3.82 11.22 1.02
CA GLY A 212 3.78 12.51 1.67
C GLY A 212 2.66 12.61 2.71
N CYS A 213 1.47 12.14 2.36
CA CYS A 213 0.36 12.10 3.30
C CYS A 213 0.70 11.24 4.53
N ILE A 214 1.37 10.11 4.33
CA ILE A 214 1.79 9.25 5.44
C ILE A 214 2.87 9.87 6.32
N MET A 215 3.91 10.40 5.68
CA MET A 215 4.98 11.07 6.41
C MET A 215 4.45 12.30 7.13
N GLY A 216 3.50 12.99 6.49
CA GLY A 216 2.89 14.14 7.11
C GLY A 216 2.11 13.73 8.35
N GLU A 217 1.51 12.56 8.28
CA GLU A 217 0.78 12.00 9.41
C GLU A 217 1.71 11.55 10.53
N MET A 218 2.92 11.10 10.19
CA MET A 218 3.87 10.65 11.19
C MET A 218 4.31 11.80 12.08
N ILE A 219 4.19 13.01 11.57
CA ILE A 219 4.66 14.19 12.28
C ILE A 219 3.55 14.92 13.04
N LYS A 220 2.54 15.40 12.33
CA LYS A 220 1.41 16.06 12.97
C LYS A 220 0.74 15.16 14.00
N GLY A 221 0.81 13.85 13.78
CA GLY A 221 0.14 12.92 14.66
C GLY A 221 -1.32 12.73 14.28
N GLY A 222 -1.64 12.97 13.02
CA GLY A 222 -3.02 12.81 12.57
C GLY A 222 -3.23 13.03 11.08
N VAL A 223 -4.31 12.43 10.56
CA VAL A 223 -4.62 12.49 9.13
C VAL A 223 -4.62 13.94 8.64
N LEU A 224 -3.86 14.20 7.58
CA LEU A 224 -3.71 15.56 7.06
C LEU A 224 -4.95 16.05 6.34
N PHE A 225 -5.60 15.15 5.61
CA PHE A 225 -6.75 15.51 4.80
C PHE A 225 -7.90 14.53 5.03
N PRO A 226 -8.48 14.55 6.24
CA PRO A 226 -9.56 13.66 6.65
C PRO A 226 -10.90 14.01 6.01
N GLY A 227 -10.97 13.91 4.69
CA GLY A 227 -12.19 14.28 4.00
C GLY A 227 -13.35 13.39 4.37
N THR A 228 -14.44 14.00 4.83
CA THR A 228 -15.65 13.27 5.18
C THR A 228 -16.26 12.61 3.94
N ASP A 229 -16.05 13.27 2.79
CA ASP A 229 -16.45 12.72 1.50
C ASP A 229 -15.53 13.20 0.40
N HIS A 230 -15.64 12.57 -0.78
CA HIS A 230 -14.83 12.94 -1.93
C HIS A 230 -14.85 14.44 -2.13
N ILE A 231 -16.01 15.04 -1.91
CA ILE A 231 -16.19 16.47 -2.08
C ILE A 231 -15.47 17.27 -1.00
N ASP A 232 -15.65 16.88 0.25
CA ASP A 232 -14.94 17.51 1.36
C ASP A 232 -13.45 17.23 1.24
N GLN A 233 -13.12 16.16 0.52
CA GLN A 233 -11.75 15.69 0.41
C GLN A 233 -10.87 16.68 -0.36
N TRP A 234 -11.35 17.12 -1.53
CA TRP A 234 -10.61 18.10 -2.32
C TRP A 234 -10.58 19.45 -1.61
N ASN A 235 -11.65 19.76 -0.88
CA ASN A 235 -11.69 21.00 -0.11
C ASN A 235 -10.53 21.05 0.88
N LYS A 236 -10.44 20.01 1.70
CA LYS A 236 -9.42 19.97 2.75
C LYS A 236 -8.02 20.07 2.16
N VAL A 237 -7.82 19.45 0.99
CA VAL A 237 -6.54 19.53 0.30
C VAL A 237 -6.20 20.97 -0.08
N ILE A 238 -7.04 21.58 -0.90
CA ILE A 238 -6.77 22.93 -1.40
C ILE A 238 -6.84 23.97 -0.28
N GLU A 239 -7.65 23.70 0.73
CA GLU A 239 -7.70 24.54 1.93
C GLU A 239 -6.33 24.60 2.60
N GLN A 240 -5.69 23.45 2.73
CA GLN A 240 -4.39 23.35 3.38
C GLN A 240 -3.27 23.84 2.48
N LEU A 241 -3.35 23.48 1.20
CA LEU A 241 -2.23 23.66 0.28
C LEU A 241 -2.42 24.80 -0.72
N GLY A 242 -3.66 25.27 -0.85
CA GLY A 242 -3.94 26.35 -1.78
C GLY A 242 -4.61 25.85 -3.05
N THR A 243 -5.10 26.79 -3.86
CA THR A 243 -5.67 26.42 -5.15
C THR A 243 -4.53 26.09 -6.11
N PRO A 244 -4.70 25.03 -6.91
CA PRO A 244 -3.74 24.73 -7.97
C PRO A 244 -3.73 25.83 -9.04
N CYS A 245 -2.59 26.01 -9.68
CA CYS A 245 -2.43 27.07 -10.67
C CYS A 245 -3.17 26.74 -11.97
N PRO A 246 -3.10 27.65 -12.97
CA PRO A 246 -3.83 27.51 -14.24
C PRO A 246 -3.72 26.14 -14.89
N GLU A 247 -2.64 25.91 -15.64
CA GLU A 247 -1.51 25.12 -15.15
C GLU A 247 -1.95 23.96 -14.26
N PHE A 248 -3.08 23.35 -14.62
CA PHE A 248 -3.58 22.15 -13.95
C PHE A 248 -5.07 22.03 -14.21
N MET A 249 -5.79 23.12 -13.95
CA MET A 249 -7.16 23.29 -14.40
C MET A 249 -7.23 23.01 -15.91
N LYS A 250 -6.25 23.56 -16.61
CA LYS A 250 -6.18 23.41 -18.07
C LYS A 250 -6.10 21.93 -18.44
N LYS A 251 -5.58 21.13 -17.52
CA LYS A 251 -5.47 19.69 -17.70
C LYS A 251 -6.79 19.01 -17.33
N LEU A 252 -7.69 19.76 -16.69
CA LEU A 252 -8.92 19.18 -16.17
C LEU A 252 -9.99 18.99 -17.23
N GLN A 253 -10.63 17.82 -17.21
CA GLN A 253 -11.76 17.54 -18.11
C GLN A 253 -12.90 18.51 -17.79
N PRO A 254 -13.71 18.87 -18.81
CA PRO A 254 -14.65 20.00 -18.71
C PRO A 254 -15.66 19.90 -17.56
N THR A 255 -16.29 18.74 -17.40
CA THR A 255 -17.33 18.57 -16.40
C THR A 255 -16.81 18.71 -14.98
N VAL A 256 -15.52 18.44 -14.78
CA VAL A 256 -14.90 18.59 -13.47
C VAL A 256 -14.03 19.86 -13.42
N ARG A 257 -13.46 20.21 -14.55
CA ARG A 257 -12.69 21.46 -14.67
C ARG A 257 -13.52 22.63 -14.16
N THR A 258 -14.83 22.51 -14.26
CA THR A 258 -15.73 23.62 -13.97
C THR A 258 -15.99 23.70 -12.48
N TYR A 259 -16.29 22.54 -11.90
CA TYR A 259 -16.55 22.48 -10.47
C TYR A 259 -15.32 22.93 -9.70
N VAL A 260 -14.17 22.31 -10.00
CA VAL A 260 -12.90 22.70 -9.43
C VAL A 260 -12.68 24.20 -9.58
N GLU A 261 -13.08 24.74 -10.73
CA GLU A 261 -12.87 26.14 -11.06
C GLU A 261 -13.84 27.03 -10.29
N ASN A 262 -15.03 26.52 -10.02
CA ASN A 262 -16.09 27.29 -9.35
C ASN A 262 -15.85 27.41 -7.86
N ARG A 263 -15.23 26.38 -7.28
CA ARG A 263 -14.91 26.38 -5.86
C ARG A 263 -14.31 27.72 -5.43
N PRO A 264 -14.52 28.10 -4.16
CA PRO A 264 -13.92 29.33 -3.62
C PRO A 264 -12.40 29.27 -3.65
N LYS A 265 -11.78 30.39 -3.98
CA LYS A 265 -10.33 30.48 -4.01
C LYS A 265 -9.78 30.35 -2.60
N TYR A 266 -9.00 29.29 -2.37
CA TYR A 266 -8.36 29.09 -1.09
C TYR A 266 -6.86 29.40 -1.24
N ALA A 267 -6.39 30.35 -0.45
CA ALA A 267 -4.97 30.66 -0.39
C ALA A 267 -4.29 29.62 0.48
N GLY A 268 -3.04 29.31 0.16
CA GLY A 268 -2.37 28.23 0.86
C GLY A 268 -1.56 28.72 2.04
N TYR A 269 -1.48 27.89 3.08
CA TYR A 269 -0.56 28.14 4.18
C TYR A 269 0.87 27.86 3.71
N SER A 270 1.82 27.89 4.63
CA SER A 270 3.17 27.44 4.31
C SER A 270 3.42 26.10 4.98
N PHE A 271 4.48 25.41 4.57
CA PHE A 271 4.83 24.13 5.18
C PHE A 271 5.41 24.32 6.58
N GLU A 272 6.01 25.49 6.82
CA GLU A 272 6.44 25.84 8.16
C GLU A 272 5.19 26.01 9.02
N LYS A 273 4.14 26.52 8.40
CA LYS A 273 2.85 26.71 9.06
C LYS A 273 2.14 25.38 9.25
N LEU A 274 2.17 24.53 8.22
CA LEU A 274 1.48 23.25 8.29
C LEU A 274 2.24 22.31 9.22
N PHE A 275 3.56 22.25 9.08
CA PHE A 275 4.38 21.38 9.91
C PHE A 275 5.43 22.21 10.64
N PRO A 276 5.04 22.88 11.72
CA PRO A 276 5.91 23.75 12.53
C PRO A 276 6.96 22.97 13.34
N ASP A 277 7.98 23.69 13.79
CA ASP A 277 9.06 23.08 14.57
C ASP A 277 8.57 22.48 15.89
N VAL A 278 7.43 22.96 16.37
CA VAL A 278 6.85 22.48 17.62
C VAL A 278 6.64 20.96 17.61
N LEU A 279 6.55 20.38 16.41
CA LEU A 279 6.15 18.97 16.26
C LEU A 279 7.33 18.01 16.16
N PHE A 280 8.47 18.49 15.70
CA PHE A 280 9.63 17.64 15.50
C PHE A 280 10.38 17.35 16.79
N PRO A 281 11.06 16.19 16.85
CA PRO A 281 11.95 15.82 17.96
C PRO A 281 13.28 16.58 17.92
N LYS A 290 17.95 17.72 11.10
CA LYS A 290 16.88 17.15 10.29
C LYS A 290 15.70 18.12 10.25
N ALA A 291 14.56 17.68 10.77
CA ALA A 291 13.38 18.54 10.96
C ALA A 291 13.10 19.46 9.78
N SER A 292 13.91 20.51 9.64
CA SER A 292 13.84 21.38 8.48
C SER A 292 13.94 20.56 7.18
N GLN A 293 14.48 19.34 7.28
CA GLN A 293 14.62 18.45 6.13
C GLN A 293 13.32 17.74 5.79
N ALA A 294 12.72 17.11 6.80
CA ALA A 294 11.46 16.41 6.62
C ALA A 294 10.40 17.37 6.09
N ARG A 295 10.65 18.66 6.30
CA ARG A 295 9.74 19.72 5.87
C ARG A 295 9.95 19.99 4.38
N ASP A 296 11.21 19.96 3.96
CA ASP A 296 11.56 20.19 2.56
C ASP A 296 10.99 19.06 1.69
N LEU A 297 11.31 17.83 2.06
CA LEU A 297 10.83 16.66 1.33
C LEU A 297 9.31 16.67 1.24
N LEU A 298 8.66 16.96 2.37
CA LEU A 298 7.21 17.07 2.40
C LEU A 298 6.66 18.10 1.42
N SER A 299 7.31 19.25 1.35
CA SER A 299 6.86 20.31 0.47
C SER A 299 7.11 19.93 -0.99
N LYS A 300 7.92 18.90 -1.19
CA LYS A 300 8.21 18.39 -2.52
C LYS A 300 7.34 17.20 -2.90
N MET A 301 6.82 16.49 -1.89
CA MET A 301 5.91 15.37 -2.14
C MET A 301 4.44 15.85 -2.17
N LEU A 302 4.07 16.71 -1.24
CA LEU A 302 2.67 17.14 -1.11
C LEU A 302 2.35 18.29 -2.06
N VAL A 303 2.55 18.02 -3.35
CA VAL A 303 2.33 19.00 -4.40
C VAL A 303 1.19 18.52 -5.29
N ILE A 304 0.14 19.33 -5.38
CA ILE A 304 -1.06 18.94 -6.09
C ILE A 304 -0.79 18.66 -7.57
N ASP A 305 -0.08 19.59 -8.21
CA ASP A 305 0.36 19.42 -9.59
C ASP A 305 1.51 18.42 -9.64
N ALA A 306 1.21 17.23 -10.17
CA ALA A 306 2.17 16.12 -10.15
C ALA A 306 3.43 16.45 -10.96
N SER A 307 3.31 17.33 -11.94
CA SER A 307 4.47 17.65 -12.77
C SER A 307 5.51 18.45 -12.00
N LYS A 308 5.13 18.92 -10.81
CA LYS A 308 6.08 19.62 -9.93
C LYS A 308 6.40 18.77 -8.70
N ARG A 309 5.72 17.63 -8.57
CA ARG A 309 5.91 16.74 -7.42
C ARG A 309 7.20 15.94 -7.62
N ILE A 310 7.96 15.72 -6.55
CA ILE A 310 9.22 14.99 -6.69
C ILE A 310 8.99 13.53 -7.14
N SER A 311 10.06 12.88 -7.61
CA SER A 311 9.95 11.53 -8.14
C SER A 311 10.50 10.55 -7.12
N VAL A 312 10.24 9.27 -7.32
CA VAL A 312 10.76 8.26 -6.42
C VAL A 312 12.29 8.22 -6.40
N ASP A 313 12.92 8.26 -7.57
CA ASP A 313 14.38 8.26 -7.59
C ASP A 313 14.97 9.48 -6.89
N GLU A 314 14.41 10.67 -7.12
CA GLU A 314 14.87 11.86 -6.42
C GLU A 314 14.58 11.78 -4.92
N ALA A 315 13.38 11.30 -4.58
CA ALA A 315 13.01 11.15 -3.19
C ALA A 315 14.00 10.25 -2.46
N LEU A 316 14.44 9.18 -3.13
CA LEU A 316 15.38 8.24 -2.52
C LEU A 316 16.72 8.89 -2.19
N GLN A 317 17.28 9.62 -3.16
CA GLN A 317 18.56 10.29 -2.96
C GLN A 317 18.43 11.65 -2.25
N HIS A 318 17.23 11.98 -1.80
CA HIS A 318 17.06 13.22 -1.05
C HIS A 318 17.70 13.09 0.33
N PRO A 319 18.30 14.18 0.84
CA PRO A 319 19.11 14.09 2.06
C PRO A 319 18.44 13.36 3.22
N TYR A 320 17.18 13.68 3.47
CA TYR A 320 16.45 13.12 4.61
C TYR A 320 16.31 11.60 4.50
N ILE A 321 16.65 11.07 3.33
CA ILE A 321 16.41 9.65 2.99
C ILE A 321 17.68 8.91 2.62
N ASN A 322 18.58 9.60 1.92
CA ASN A 322 19.71 8.96 1.25
C ASN A 322 20.74 8.33 2.19
N VAL A 323 20.57 8.56 3.49
CA VAL A 323 21.50 8.04 4.50
C VAL A 323 21.57 6.51 4.54
N TRP A 324 20.50 5.84 4.11
CA TRP A 324 20.38 4.39 4.24
C TRP A 324 20.74 3.65 2.96
N TYR A 325 21.03 4.42 1.91
CA TYR A 325 21.11 3.89 0.56
C TYR A 325 21.92 2.60 0.45
N ASP A 326 21.39 1.64 -0.30
CA ASP A 326 22.09 0.41 -0.64
C ASP A 326 21.59 -0.04 -2.02
N PRO A 327 22.52 -0.15 -2.99
CA PRO A 327 22.18 -0.38 -4.40
C PRO A 327 21.44 -1.69 -4.71
N SER A 328 21.56 -2.66 -3.82
CA SER A 328 20.90 -3.96 -4.01
C SER A 328 19.42 -3.91 -3.60
N GLU A 329 19.05 -2.91 -2.81
CA GLU A 329 17.65 -2.72 -2.40
C GLU A 329 16.96 -1.64 -3.23
N ALA A 330 17.73 -0.64 -3.64
CA ALA A 330 17.17 0.57 -4.25
C ALA A 330 17.34 0.59 -5.77
N GLU A 331 17.63 -0.58 -6.35
CA GLU A 331 17.67 -0.73 -7.80
C GLU A 331 17.47 -2.21 -8.18
N ARG A 345 -8.07 -8.26 -21.23
CA ARG A 345 -8.70 -9.34 -21.99
C ARG A 345 -9.92 -9.86 -21.24
N GLU A 346 -10.95 -10.25 -21.99
CA GLU A 346 -12.16 -10.81 -21.39
C GLU A 346 -12.12 -12.34 -21.45
N HIS A 347 -12.79 -12.97 -20.49
CA HIS A 347 -12.95 -14.41 -20.49
C HIS A 347 -14.27 -14.78 -19.84
N THR A 348 -14.72 -16.00 -20.08
CA THR A 348 -15.87 -16.53 -19.36
C THR A 348 -15.40 -16.96 -17.97
N ILE A 349 -16.36 -17.10 -17.05
CA ILE A 349 -16.03 -17.57 -15.71
C ILE A 349 -15.27 -18.88 -15.77
N GLU A 350 -15.66 -19.79 -16.66
CA GLU A 350 -14.98 -21.07 -16.78
C GLU A 350 -13.55 -20.92 -17.30
N GLU A 351 -13.33 -19.93 -18.18
CA GLU A 351 -11.99 -19.65 -18.68
C GLU A 351 -11.09 -19.00 -17.62
N TRP A 352 -11.67 -18.15 -16.78
CA TRP A 352 -10.93 -17.54 -15.68
C TRP A 352 -10.57 -18.65 -14.69
N LYS A 353 -11.53 -19.54 -14.45
CA LYS A 353 -11.36 -20.63 -13.52
C LYS A 353 -10.23 -21.56 -14.00
N GLU A 354 -10.13 -21.75 -15.30
CA GLU A 354 -9.07 -22.59 -15.85
C GLU A 354 -7.71 -21.88 -15.72
N LEU A 355 -7.67 -20.60 -16.08
CA LEU A 355 -6.44 -19.82 -15.98
C LEU A 355 -5.92 -19.80 -14.55
N ILE A 356 -6.82 -19.54 -13.60
CA ILE A 356 -6.47 -19.45 -12.20
C ILE A 356 -5.91 -20.80 -11.73
N TYR A 357 -6.57 -21.87 -12.16
CA TYR A 357 -6.19 -23.21 -11.77
C TYR A 357 -4.77 -23.51 -12.24
N LYS A 358 -4.42 -23.08 -13.45
CA LYS A 358 -3.04 -23.25 -13.91
C LYS A 358 -2.08 -22.59 -12.93
N GLU A 359 -2.34 -21.32 -12.58
CA GLU A 359 -1.49 -20.58 -11.66
C GLU A 359 -1.30 -21.31 -10.33
N VAL A 360 -2.37 -21.92 -9.82
CA VAL A 360 -2.29 -22.65 -8.57
C VAL A 360 -1.41 -23.90 -8.68
N MET A 361 -1.59 -24.65 -9.78
CA MET A 361 -0.83 -25.89 -9.97
C MET A 361 0.62 -25.59 -10.33
N PRO B 2 24.21 5.90 9.13
CA PRO B 2 24.86 4.58 9.33
C PRO B 2 24.26 3.81 10.51
N LYS B 3 24.44 2.49 10.50
CA LYS B 3 23.72 1.59 11.39
C LYS B 3 22.23 1.88 11.42
N ARG B 4 21.48 1.11 10.64
CA ARG B 4 20.04 1.29 10.57
C ARG B 4 19.40 0.80 11.86
N PRO B 5 18.33 1.46 12.29
CA PRO B 5 17.63 0.98 13.49
C PRO B 5 17.32 -0.51 13.38
N THR B 6 17.25 -1.18 14.50
CA THR B 6 17.01 -2.62 14.52
C THR B 6 15.84 -2.96 15.42
N THR B 7 15.19 -1.93 15.94
CA THR B 7 14.01 -2.14 16.77
C THR B 7 12.98 -1.02 16.54
N LEU B 8 11.71 -1.40 16.60
CA LEU B 8 10.62 -0.44 16.54
C LEU B 8 9.63 -0.80 17.65
N ASN B 9 9.02 0.21 18.26
CA ASN B 9 8.17 -0.03 19.42
C ASN B 9 6.70 -0.10 19.02
N LEU B 10 6.09 -1.26 19.22
CA LEU B 10 4.71 -1.48 18.78
C LEU B 10 3.70 -1.28 19.91
C1 0NR C . -0.09 -9.41 6.84
C2 0NR C . 0.69 -10.28 6.01
C3 0NR C . 0.13 -10.89 4.86
C4 0NR C . -1.21 -10.60 4.58
N5 0NR C . -1.98 -9.77 5.36
C6 0NR C . -1.44 -9.16 6.49
N7 0NR C . -2.25 -8.29 7.30
C8 0NR C . -3.64 -8.05 6.92
C9 0NR C . -1.66 -7.65 8.47
C10 0NR C . -0.35 -7.83 8.91
C11 0NR C . 0.35 -7.20 10.15
C12 0NR C . -0.06 -7.99 11.40
C13 0NR C . 0.51 -8.75 8.05
O14 0NR C . 1.69 -8.98 8.34
C15 0NR C . -4.63 -9.07 7.13
C16 0NR C . -5.97 -8.87 6.78
C17 0NR C . -6.37 -7.63 6.22
C18 0NR C . -5.42 -6.60 5.99
C19 0NR C . -4.07 -6.80 6.34
C20 0NR C . -2.51 -6.73 9.32
O21 0NR C . -2.27 -5.53 9.42
O22 0NR C . -3.55 -7.43 9.87
C23 0NR C . -4.44 -6.66 10.69
C24 0NR C . 0.39 -9.33 11.59
C25 0NR C . -0.01 -10.09 12.71
C26 0NR C . -0.89 -9.53 13.68
C27 0NR C . -1.36 -8.18 13.50
C28 0NR C . -0.95 -7.42 12.37
C29 0NR C . -1.35 -10.31 14.86
O30 0NR C . -2.49 -10.11 15.32
N31 0NR C . -0.46 -11.25 15.38
C32 0NR C . -0.78 -12.07 16.55
C33 0NR C . 0.51 -12.41 17.41
C34 0NR C . 1.49 -13.33 16.60
C35 0NR C . 0.76 -14.66 16.18
C36 0NR C . -0.50 -14.31 15.31
C37 0NR C . -1.49 -13.41 16.13
C38 0NR C . 0.30 -15.43 17.47
C39 0NR C . -0.67 -14.53 18.31
C40 0NR C . -1.93 -14.19 17.43
C41 0NR C . 0.06 -13.18 18.71
N42 0NR C . -1.07 -15.21 19.49
#